data_7FHJ
#
_entry.id   7FHJ
#
_cell.length_a   72.140
_cell.length_b   72.140
_cell.length_c   259.350
_cell.angle_alpha   90.000
_cell.angle_beta   90.000
_cell.angle_gamma   120.000
#
_symmetry.space_group_name_H-M   'P 61 2 2'
#
loop_
_entity.id
_entity.type
_entity.pdbx_description
1 polymer 'Bromodomain adjacent to zinc finger domain protein 2A'
2 polymer "DNA (5'-D(*CP*GP*GP*AP*AP*TP*GP*TP*AP*GP*GP*C)-3')"
3 polymer "DNA (5'-D(*GP*CP*CP*TP*AP*(5CM)P*AP*TP*TP*CP*CP*G)-3')"
4 non-polymer 'UNKNOWN ATOM OR ION'
5 water water
#
loop_
_entity_poly.entity_id
_entity_poly.type
_entity_poly.pdbx_seq_one_letter_code
_entity_poly.pdbx_strand_id
1 'polypeptide(L)'
;GSGSGDVMRRRIATPEEVRLPLQHGWRREVRIKKGSHRWQGETWYYGPCGKRMKQFPEVIKYLSRNVVHSVRREHFSFSP
RMPVGDFFEERDTPEGLQWVQLSAEEIPSRIQAITGKRG
;
A,B
2 'polydeoxyribonucleotide' (DC)(DG)(DG)(DA)(DA)(DT)(DG)(DT)(DA)(DG)(DG)(DC) C
3 'polydeoxyribonucleotide' (DG)(DC)(DC)(DT)(DA)(5CM)(DA)(DT)(DT)(DC)(DC)(DG) D
#
loop_
_chem_comp.id
_chem_comp.type
_chem_comp.name
_chem_comp.formula
5CM DNA linking 5-METHYL-2'-DEOXY-CYTIDINE-5'-MONOPHOSPHATE 'C10 H16 N3 O7 P'
DA DNA linking 2'-DEOXYADENOSINE-5'-MONOPHOSPHATE 'C10 H14 N5 O6 P'
DC DNA linking 2'-DEOXYCYTIDINE-5'-MONOPHOSPHATE 'C9 H14 N3 O7 P'
DG DNA linking 2'-DEOXYGUANOSINE-5'-MONOPHOSPHATE 'C10 H14 N5 O7 P'
DT DNA linking THYMIDINE-5'-MONOPHOSPHATE 'C10 H15 N2 O8 P'
UNX non-polymer 'UNKNOWN ATOM OR ION' ?
#
# COMPACT_ATOMS: atom_id res chain seq x y z
N ARG A 10 19.62 -17.43 11.10
CA ARG A 10 20.36 -18.22 10.08
C ARG A 10 19.48 -19.38 9.58
N ARG A 11 18.16 -19.38 9.82
CA ARG A 11 17.24 -20.47 9.40
C ARG A 11 15.95 -19.90 8.75
N ILE A 12 15.30 -20.75 7.95
CA ILE A 12 14.16 -20.43 7.03
C ILE A 12 13.03 -19.77 7.84
N ALA A 13 12.42 -18.69 7.31
CA ALA A 13 11.27 -17.98 7.92
C ALA A 13 9.95 -18.61 7.42
N THR A 14 9.00 -18.83 8.33
CA THR A 14 7.68 -19.46 8.04
C THR A 14 6.77 -18.41 7.40
N PRO A 15 5.77 -18.84 6.61
CA PRO A 15 4.70 -17.93 6.18
C PRO A 15 4.08 -17.14 7.35
N GLU A 16 3.81 -17.81 8.48
CA GLU A 16 3.24 -17.13 9.69
CA GLU A 16 3.26 -17.16 9.72
C GLU A 16 4.15 -15.96 10.06
N GLU A 17 5.45 -16.14 10.05
CA GLU A 17 6.36 -15.07 10.53
C GLU A 17 6.38 -13.92 9.50
N VAL A 18 6.31 -14.23 8.22
CA VAL A 18 6.40 -13.21 7.14
C VAL A 18 5.08 -12.44 7.09
N ARG A 19 3.97 -13.03 7.55
CA ARG A 19 2.64 -12.34 7.69
C ARG A 19 2.66 -11.41 8.93
N LEU A 20 3.54 -11.62 9.90
CA LEU A 20 3.41 -10.87 11.18
C LEU A 20 3.51 -9.34 10.97
N PRO A 21 4.43 -8.73 10.20
CA PRO A 21 4.49 -7.27 10.14
C PRO A 21 3.23 -6.66 9.51
N LEU A 22 2.50 -7.44 8.73
CA LEU A 22 1.18 -7.01 8.16
C LEU A 22 0.15 -6.73 9.25
N GLN A 23 0.33 -7.32 10.45
CA GLN A 23 -0.55 -7.09 11.64
C GLN A 23 0.00 -5.92 12.45
N HIS A 24 1.01 -5.19 11.97
CA HIS A 24 1.63 -4.05 12.70
C HIS A 24 1.87 -2.89 11.74
N GLY A 25 0.95 -2.68 10.79
CA GLY A 25 0.97 -1.49 9.91
C GLY A 25 1.95 -1.52 8.73
N TRP A 26 2.58 -2.66 8.44
CA TRP A 26 3.41 -2.81 7.22
C TRP A 26 2.57 -3.41 6.10
N ARG A 27 3.07 -3.24 4.89
CA ARG A 27 2.51 -3.86 3.67
C ARG A 27 3.64 -4.55 2.91
N ARG A 28 3.32 -5.69 2.33
CA ARG A 28 4.23 -6.45 1.45
C ARG A 28 3.53 -6.62 0.10
N GLU A 29 4.27 -6.39 -0.98
CA GLU A 29 3.79 -6.55 -2.36
C GLU A 29 4.83 -7.33 -3.16
N VAL A 30 4.36 -8.21 -4.02
CA VAL A 30 5.23 -8.90 -5.02
C VAL A 30 4.79 -8.41 -6.40
N ARG A 31 5.71 -7.89 -7.20
CA ARG A 31 5.45 -7.29 -8.52
C ARG A 31 6.26 -8.07 -9.57
N ILE A 32 5.58 -8.53 -10.61
CA ILE A 32 6.11 -9.48 -11.60
C ILE A 32 6.08 -8.83 -12.97
N LYS A 33 7.24 -8.59 -13.54
CA LYS A 33 7.35 -7.86 -14.84
C LYS A 33 8.19 -8.72 -15.80
N LYS A 34 8.09 -8.42 -17.09
CA LYS A 34 9.01 -9.01 -18.10
C LYS A 34 10.31 -8.23 -18.01
N GLY A 35 11.41 -8.96 -17.82
CA GLY A 35 12.71 -8.29 -17.72
C GLY A 35 13.44 -8.39 -19.04
N SER A 36 14.74 -8.17 -19.00
CA SER A 36 15.56 -8.26 -20.23
C SER A 36 15.35 -9.62 -20.88
N HIS A 37 15.47 -10.69 -20.10
CA HIS A 37 15.40 -12.05 -20.68
C HIS A 37 14.11 -12.79 -20.35
N ARG A 38 13.75 -12.83 -19.08
CA ARG A 38 12.68 -13.72 -18.54
C ARG A 38 11.67 -12.91 -17.69
N TRP A 39 10.58 -13.53 -17.27
CA TRP A 39 9.69 -13.01 -16.19
C TRP A 39 10.41 -13.11 -14.82
N GLN A 40 10.44 -12.01 -14.07
CA GLN A 40 11.02 -11.95 -12.70
C GLN A 40 10.07 -11.19 -11.76
N GLY A 41 10.13 -11.52 -10.47
CA GLY A 41 9.38 -10.84 -9.42
C GLY A 41 10.31 -10.05 -8.51
N GLU A 42 9.81 -8.97 -7.90
CA GLU A 42 10.51 -8.14 -6.87
C GLU A 42 9.51 -7.95 -5.72
N THR A 43 10.03 -7.91 -4.50
CA THR A 43 9.23 -7.68 -3.27
C THR A 43 9.46 -6.24 -2.80
N TRP A 44 8.37 -5.52 -2.53
CA TRP A 44 8.35 -4.22 -1.83
C TRP A 44 7.76 -4.39 -0.43
N TYR A 45 8.31 -3.69 0.55
CA TYR A 45 7.67 -3.40 1.85
C TYR A 45 7.42 -1.90 1.98
N TYR A 46 6.27 -1.58 2.56
CA TYR A 46 5.89 -0.22 3.03
C TYR A 46 5.96 -0.27 4.56
N GLY A 47 6.73 0.64 5.14
CA GLY A 47 6.76 0.84 6.60
C GLY A 47 5.47 1.53 7.01
N PRO A 48 5.09 1.50 8.31
CA PRO A 48 3.85 2.14 8.75
C PRO A 48 3.75 3.62 8.36
N CYS A 49 4.87 4.31 8.21
CA CYS A 49 4.98 5.73 7.83
C CYS A 49 4.72 5.94 6.32
N GLY A 50 4.70 4.88 5.52
CA GLY A 50 4.45 4.95 4.05
C GLY A 50 5.73 4.86 3.23
N LYS A 51 6.88 4.71 3.87
CA LYS A 51 8.19 4.62 3.19
C LYS A 51 8.26 3.31 2.38
N ARG A 52 8.61 3.42 1.10
CA ARG A 52 8.73 2.22 0.24
C ARG A 52 10.14 1.71 0.37
N MET A 53 10.30 0.43 0.68
CA MET A 53 11.61 -0.23 0.75
C MET A 53 11.63 -1.46 -0.18
N LYS A 54 12.67 -1.58 -1.01
CA LYS A 54 12.91 -2.62 -2.06
C LYS A 54 14.10 -3.53 -1.75
N GLN A 55 14.90 -3.22 -0.73
CA GLN A 55 16.11 -4.01 -0.40
C GLN A 55 16.21 -4.23 1.12
N PHE A 56 16.66 -5.41 1.52
CA PHE A 56 16.76 -5.91 2.91
C PHE A 56 17.62 -5.02 3.79
N PRO A 57 18.75 -4.46 3.29
CA PRO A 57 19.54 -3.50 4.07
C PRO A 57 18.81 -2.18 4.35
N GLU A 58 17.87 -1.78 3.49
CA GLU A 58 17.01 -0.59 3.76
C GLU A 58 16.11 -0.94 4.96
N VAL A 59 15.57 -2.16 5.02
CA VAL A 59 14.69 -2.57 6.15
C VAL A 59 15.49 -2.58 7.45
N ILE A 60 16.72 -3.08 7.44
CA ILE A 60 17.56 -3.22 8.69
C ILE A 60 17.87 -1.80 9.19
N LYS A 61 18.21 -0.92 8.28
CA LYS A 61 18.44 0.52 8.53
C LYS A 61 17.17 1.15 9.09
N TYR A 62 15.99 0.84 8.55
CA TYR A 62 14.72 1.40 9.05
C TYR A 62 14.41 0.89 10.46
N LEU A 63 14.61 -0.39 10.74
CA LEU A 63 14.41 -1.02 12.06
C LEU A 63 15.33 -0.38 13.12
N SER A 64 16.54 0.05 12.75
CA SER A 64 17.57 0.59 13.68
CA SER A 64 17.56 0.58 13.68
C SER A 64 17.26 2.04 14.05
N ARG A 65 16.49 2.76 13.22
CA ARG A 65 16.21 4.19 13.48
C ARG A 65 14.72 4.39 13.80
N ASN A 66 14.00 3.36 14.24
CA ASN A 66 12.55 3.42 14.61
C ASN A 66 12.31 2.53 15.84
N VAL A 67 11.23 2.77 16.59
CA VAL A 67 10.98 2.11 17.92
C VAL A 67 10.83 0.60 17.69
N VAL A 68 11.63 -0.19 18.40
CA VAL A 68 11.70 -1.68 18.22
C VAL A 68 10.53 -2.37 18.93
N HIS A 69 9.41 -2.59 18.24
CA HIS A 69 8.29 -3.29 18.90
C HIS A 69 8.32 -4.79 18.63
N SER A 70 7.22 -5.33 18.12
CA SER A 70 7.09 -6.79 17.88
C SER A 70 7.85 -7.21 16.62
N VAL A 71 8.01 -6.29 15.69
CA VAL A 71 8.57 -6.56 14.34
C VAL A 71 10.12 -6.54 14.40
N ARG A 72 10.76 -7.62 13.95
CA ARG A 72 12.24 -7.77 13.97
C ARG A 72 12.70 -8.33 12.62
N ARG A 73 14.00 -8.25 12.35
CA ARG A 73 14.63 -8.51 11.04
C ARG A 73 14.20 -9.87 10.45
N GLU A 74 13.96 -10.90 11.27
CA GLU A 74 13.69 -12.29 10.81
C GLU A 74 12.23 -12.44 10.32
N HIS A 75 11.42 -11.37 10.40
CA HIS A 75 9.99 -11.39 9.94
C HIS A 75 9.92 -11.02 8.46
N PHE A 76 11.06 -10.70 7.84
CA PHE A 76 11.14 -10.13 6.48
C PHE A 76 11.75 -11.12 5.49
N SER A 77 11.12 -11.25 4.32
CA SER A 77 11.66 -12.00 3.16
C SER A 77 11.48 -11.18 1.91
N PHE A 78 12.49 -11.09 1.04
CA PHE A 78 12.36 -10.37 -0.26
C PHE A 78 12.03 -11.36 -1.39
N SER A 79 11.63 -12.57 -1.03
CA SER A 79 11.31 -13.65 -2.00
C SER A 79 9.99 -13.39 -2.71
N PRO A 80 9.99 -13.21 -4.05
CA PRO A 80 8.73 -13.18 -4.79
C PRO A 80 8.01 -14.53 -4.89
N ARG A 81 8.54 -15.59 -4.29
CA ARG A 81 7.98 -16.97 -4.29
C ARG A 81 7.36 -17.28 -2.93
N MET A 82 7.39 -16.33 -2.00
CA MET A 82 6.66 -16.40 -0.71
C MET A 82 5.27 -15.75 -0.88
N PRO A 83 4.15 -16.54 -0.81
CA PRO A 83 2.80 -16.02 -1.03
C PRO A 83 2.26 -15.28 0.20
N VAL A 84 2.85 -14.13 0.48
CA VAL A 84 2.39 -13.22 1.55
C VAL A 84 2.34 -11.83 0.95
N GLY A 85 1.16 -11.21 1.03
CA GLY A 85 0.89 -9.83 0.62
C GLY A 85 0.16 -9.78 -0.70
N ASP A 86 0.14 -8.62 -1.35
CA ASP A 86 -0.61 -8.45 -2.62
C ASP A 86 0.36 -8.65 -3.78
N PHE A 87 -0.13 -9.30 -4.83
CA PHE A 87 0.62 -9.66 -6.04
C PHE A 87 0.06 -8.83 -7.19
N PHE A 88 0.97 -8.27 -7.99
CA PHE A 88 0.64 -7.53 -9.22
C PHE A 88 1.50 -8.06 -10.35
N GLU A 89 0.99 -7.98 -11.59
CA GLU A 89 1.77 -8.27 -12.80
C GLU A 89 1.49 -7.23 -13.89
N GLU A 90 2.54 -7.00 -14.65
CA GLU A 90 2.59 -6.16 -15.87
C GLU A 90 2.07 -7.00 -17.03
N ARG A 91 0.84 -6.73 -17.51
CA ARG A 91 0.13 -7.33 -18.68
C ARG A 91 0.18 -6.36 -19.88
N ASP A 92 1.02 -6.61 -20.88
CA ASP A 92 1.10 -5.75 -22.09
C ASP A 92 0.02 -6.17 -23.10
N THR A 93 -0.74 -5.21 -23.67
CA THR A 93 -1.69 -5.47 -24.77
C THR A 93 -1.55 -4.34 -25.78
N PRO A 94 -2.21 -4.46 -26.94
CA PRO A 94 -2.24 -3.38 -27.92
C PRO A 94 -2.75 -2.03 -27.34
N GLU A 95 -3.57 -2.08 -26.30
CA GLU A 95 -4.03 -0.84 -25.60
C GLU A 95 -2.92 -0.22 -24.74
N GLY A 96 -1.84 -0.94 -24.42
CA GLY A 96 -0.71 -0.44 -23.59
C GLY A 96 -0.35 -1.34 -22.41
N LEU A 97 0.74 -0.99 -21.70
CA LEU A 97 1.15 -1.61 -20.40
C LEU A 97 0.10 -1.31 -19.34
N GLN A 98 -0.71 -2.28 -18.92
CA GLN A 98 -1.55 -2.18 -17.69
C GLN A 98 -0.91 -3.07 -16.62
N TRP A 99 -0.79 -2.57 -15.39
CA TRP A 99 -0.56 -3.39 -14.17
C TRP A 99 -1.92 -3.82 -13.63
N VAL A 100 -2.01 -5.08 -13.20
CA VAL A 100 -3.25 -5.64 -12.60
CA VAL A 100 -3.25 -5.68 -12.64
C VAL A 100 -2.87 -6.46 -11.38
N GLN A 101 -3.72 -6.39 -10.37
CA GLN A 101 -3.59 -7.12 -9.10
C GLN A 101 -4.11 -8.53 -9.33
N LEU A 102 -3.39 -9.52 -8.83
CA LEU A 102 -3.79 -10.93 -8.93
C LEU A 102 -4.79 -11.22 -7.83
N SER A 103 -5.79 -12.04 -8.12
CA SER A 103 -6.62 -12.79 -7.14
C SER A 103 -5.72 -13.81 -6.43
N ALA A 104 -6.13 -14.22 -5.23
CA ALA A 104 -5.57 -15.35 -4.44
C ALA A 104 -5.44 -16.62 -5.30
N GLU A 105 -6.36 -16.83 -6.25
CA GLU A 105 -6.41 -18.06 -7.06
C GLU A 105 -5.34 -18.01 -8.16
N GLU A 106 -4.99 -16.83 -8.70
CA GLU A 106 -3.94 -16.71 -9.76
C GLU A 106 -2.53 -16.82 -9.16
N ILE A 107 -2.37 -16.59 -7.85
CA ILE A 107 -1.02 -16.33 -7.29
C ILE A 107 -0.14 -17.57 -7.45
N PRO A 108 -0.59 -18.79 -7.06
CA PRO A 108 0.29 -19.97 -7.08
C PRO A 108 0.89 -20.28 -8.46
N SER A 109 0.16 -19.97 -9.53
CA SER A 109 0.66 -20.22 -10.91
C SER A 109 1.69 -19.18 -11.32
N ARG A 110 1.59 -17.93 -10.88
CA ARG A 110 2.67 -16.93 -11.12
C ARG A 110 3.94 -17.34 -10.38
N ILE A 111 3.84 -17.73 -9.13
CA ILE A 111 4.99 -18.22 -8.31
C ILE A 111 5.66 -19.39 -9.03
N GLN A 112 4.90 -20.38 -9.53
CA GLN A 112 5.43 -21.54 -10.31
C GLN A 112 6.19 -21.01 -11.52
N ALA A 113 5.65 -19.99 -12.17
CA ALA A 113 6.23 -19.46 -13.41
C ALA A 113 7.56 -18.75 -13.14
N ILE A 114 7.84 -18.33 -11.90
CA ILE A 114 9.16 -17.69 -11.63
C ILE A 114 10.02 -18.58 -10.73
N THR A 115 9.59 -19.82 -10.45
CA THR A 115 10.45 -20.88 -9.87
C THR A 115 11.23 -21.60 -11.00
N GLY A 116 12.53 -21.90 -10.80
CA GLY A 116 13.42 -22.50 -11.81
N ARG B 10 -18.60 18.46 -8.28
CA ARG B 10 -19.87 17.96 -8.86
C ARG B 10 -20.70 17.37 -7.70
N ARG B 11 -21.12 16.12 -7.81
CA ARG B 11 -21.77 15.33 -6.74
C ARG B 11 -20.69 14.63 -5.88
N ILE B 12 -20.84 14.72 -4.56
CA ILE B 12 -20.05 13.97 -3.54
C ILE B 12 -20.13 12.45 -3.82
N ALA B 13 -18.97 11.79 -3.85
CA ALA B 13 -18.87 10.36 -4.18
C ALA B 13 -19.29 9.56 -2.95
N THR B 14 -19.92 8.42 -3.17
CA THR B 14 -20.46 7.54 -2.10
C THR B 14 -19.35 6.60 -1.67
N PRO B 15 -19.40 6.06 -0.44
CA PRO B 15 -18.48 5.01 -0.04
C PRO B 15 -18.28 4.04 -1.22
N GLU B 16 -19.36 3.58 -1.82
CA GLU B 16 -19.32 2.48 -2.83
C GLU B 16 -18.47 2.90 -4.03
N GLU B 17 -18.72 4.07 -4.61
CA GLU B 17 -17.90 4.59 -5.75
C GLU B 17 -16.41 4.69 -5.36
N VAL B 18 -16.11 5.13 -4.14
CA VAL B 18 -14.71 5.33 -3.67
C VAL B 18 -14.04 3.96 -3.46
N ARG B 19 -14.81 2.91 -3.15
CA ARG B 19 -14.29 1.52 -3.04
C ARG B 19 -14.07 0.90 -4.43
N LEU B 20 -14.52 1.52 -5.51
CA LEU B 20 -14.46 0.84 -6.82
C LEU B 20 -13.00 0.65 -7.26
N PRO B 21 -12.14 1.70 -7.38
CA PRO B 21 -10.76 1.48 -7.86
C PRO B 21 -10.00 0.43 -7.04
N LEU B 22 -10.43 0.17 -5.81
CA LEU B 22 -9.76 -0.80 -4.90
C LEU B 22 -10.01 -2.22 -5.41
N GLN B 23 -10.99 -2.42 -6.28
CA GLN B 23 -11.23 -3.74 -6.91
C GLN B 23 -10.43 -3.84 -8.21
N HIS B 24 -9.73 -2.77 -8.61
CA HIS B 24 -8.98 -2.73 -9.89
C HIS B 24 -7.52 -2.37 -9.60
N GLY B 25 -6.99 -2.76 -8.45
CA GLY B 25 -5.54 -2.68 -8.19
C GLY B 25 -5.06 -1.37 -7.55
N TRP B 26 -5.95 -0.45 -7.19
CA TRP B 26 -5.56 0.79 -6.47
C TRP B 26 -5.60 0.55 -4.96
N ARG B 27 -4.86 1.34 -4.18
CA ARG B 27 -4.94 1.34 -2.69
C ARG B 27 -5.26 2.78 -2.30
N ARG B 28 -6.04 2.97 -1.25
CA ARG B 28 -6.36 4.30 -0.70
C ARG B 28 -5.96 4.28 0.78
N GLU B 29 -5.31 5.34 1.26
CA GLU B 29 -4.87 5.45 2.66
C GLU B 29 -5.26 6.83 3.16
N VAL B 30 -5.62 6.90 4.45
CA VAL B 30 -5.74 8.22 5.13
C VAL B 30 -4.72 8.26 6.27
N ARG B 31 -3.98 9.39 6.33
CA ARG B 31 -2.78 9.59 7.17
C ARG B 31 -2.95 10.91 7.97
N ILE B 32 -3.02 10.79 9.28
CA ILE B 32 -3.37 11.89 10.21
C ILE B 32 -2.15 12.26 11.06
N LYS B 33 -1.89 13.54 11.21
CA LYS B 33 -0.78 13.98 12.10
C LYS B 33 -1.08 15.39 12.62
N LYS B 34 -0.34 15.86 13.61
CA LYS B 34 -0.54 17.23 14.15
C LYS B 34 0.28 18.22 13.31
N GLY B 35 -0.37 19.31 12.96
CA GLY B 35 0.25 20.42 12.24
C GLY B 35 0.44 21.56 13.21
N SER B 36 0.44 22.79 12.70
CA SER B 36 0.68 23.99 13.53
C SER B 36 -0.24 24.00 14.74
N HIS B 37 -1.54 24.04 14.51
CA HIS B 37 -2.50 24.15 15.63
C HIS B 37 -3.33 22.89 15.80
N ARG B 38 -3.67 22.23 14.69
CA ARG B 38 -4.66 21.12 14.81
C ARG B 38 -4.12 19.80 14.22
N TRP B 39 -4.90 18.73 14.41
CA TRP B 39 -4.72 17.43 13.73
C TRP B 39 -5.32 17.55 12.33
N GLN B 40 -4.63 17.06 11.29
CA GLN B 40 -5.16 16.99 9.90
C GLN B 40 -4.85 15.66 9.26
N GLY B 41 -5.73 15.28 8.32
CA GLY B 41 -5.64 14.10 7.46
C GLY B 41 -5.24 14.49 6.04
N GLU B 42 -4.50 13.61 5.37
CA GLU B 42 -4.20 13.69 3.92
C GLU B 42 -4.55 12.33 3.31
N THR B 43 -5.08 12.31 2.10
CA THR B 43 -5.42 11.03 1.46
C THR B 43 -4.31 10.67 0.49
N TRP B 44 -3.80 9.43 0.54
CA TRP B 44 -2.95 8.87 -0.54
C TRP B 44 -3.71 7.79 -1.30
N TYR B 45 -3.41 7.75 -2.60
CA TYR B 45 -3.72 6.66 -3.54
C TYR B 45 -2.40 6.09 -4.07
N TYR B 46 -2.36 4.77 -4.20
CA TYR B 46 -1.36 4.03 -5.01
C TYR B 46 -2.06 3.47 -6.22
N GLY B 47 -1.58 3.83 -7.41
CA GLY B 47 -2.00 3.23 -8.68
C GLY B 47 -1.60 1.76 -8.72
N PRO B 48 -2.16 0.97 -9.66
CA PRO B 48 -1.81 -0.44 -9.75
C PRO B 48 -0.31 -0.70 -10.04
N CYS B 49 0.41 0.23 -10.68
CA CYS B 49 1.89 0.10 -10.90
C CYS B 49 2.70 0.39 -9.63
N GLY B 50 2.12 0.93 -8.57
CA GLY B 50 2.87 1.25 -7.33
C GLY B 50 3.06 2.74 -7.13
N LYS B 51 2.71 3.57 -8.11
CA LYS B 51 2.93 5.02 -8.00
C LYS B 51 2.05 5.65 -6.90
N ARG B 52 2.67 6.42 -6.02
CA ARG B 52 1.99 7.15 -4.93
C ARG B 52 1.46 8.47 -5.48
N MET B 53 0.18 8.76 -5.33
CA MET B 53 -0.34 10.07 -5.77
C MET B 53 -1.10 10.73 -4.61
N LYS B 54 -0.82 11.99 -4.33
CA LYS B 54 -1.43 12.76 -3.19
C LYS B 54 -2.34 13.91 -3.66
N GLN B 55 -2.47 14.17 -4.97
CA GLN B 55 -3.27 15.29 -5.49
C GLN B 55 -4.23 14.78 -6.57
N PHE B 56 -5.44 15.32 -6.60
CA PHE B 56 -6.49 14.95 -7.58
C PHE B 56 -5.96 15.13 -9.00
N PRO B 57 -5.37 16.26 -9.40
CA PRO B 57 -4.89 16.39 -10.78
C PRO B 57 -3.80 15.39 -11.17
N GLU B 58 -3.06 14.79 -10.23
CA GLU B 58 -2.07 13.71 -10.54
C GLU B 58 -2.82 12.45 -10.96
N VAL B 59 -3.94 12.15 -10.34
CA VAL B 59 -4.78 10.99 -10.74
C VAL B 59 -5.33 11.24 -12.15
N ILE B 60 -5.77 12.47 -12.46
CA ILE B 60 -6.28 12.85 -13.81
C ILE B 60 -5.16 12.60 -14.83
N LYS B 61 -3.95 13.07 -14.55
CA LYS B 61 -2.78 12.85 -15.44
C LYS B 61 -2.51 11.34 -15.55
N TYR B 62 -2.52 10.59 -14.44
CA TYR B 62 -2.36 9.12 -14.47
C TYR B 62 -3.43 8.49 -15.37
N LEU B 63 -4.70 8.88 -15.25
CA LEU B 63 -5.79 8.12 -15.93
C LEU B 63 -5.66 8.32 -17.44
N SER B 64 -5.27 9.52 -17.86
CA SER B 64 -5.15 9.88 -19.30
CA SER B 64 -5.14 9.88 -19.30
C SER B 64 -3.91 9.21 -19.93
N ARG B 65 -2.99 8.68 -19.11
CA ARG B 65 -1.75 7.99 -19.59
C ARG B 65 -1.96 6.47 -19.66
N ASN B 66 -3.11 5.95 -19.23
CA ASN B 66 -3.40 4.50 -19.23
C ASN B 66 -4.72 4.32 -19.99
N VAL B 67 -5.19 3.09 -20.20
CA VAL B 67 -6.44 2.81 -20.98
C VAL B 67 -7.65 3.11 -20.10
N VAL B 68 -8.62 3.87 -20.62
CA VAL B 68 -9.86 4.24 -19.88
C VAL B 68 -10.82 3.05 -19.87
N HIS B 69 -11.02 2.43 -18.72
CA HIS B 69 -11.94 1.27 -18.58
C HIS B 69 -12.91 1.51 -17.42
N SER B 70 -12.91 0.65 -16.41
CA SER B 70 -13.85 0.73 -15.27
C SER B 70 -13.59 1.94 -14.36
N VAL B 71 -12.37 2.43 -14.33
CA VAL B 71 -11.92 3.46 -13.34
C VAL B 71 -11.91 4.83 -14.00
N ARG B 72 -12.64 5.79 -13.43
CA ARG B 72 -12.78 7.18 -13.93
C ARG B 72 -12.59 8.17 -12.77
N ARG B 73 -12.43 9.45 -13.07
CA ARG B 73 -12.19 10.51 -12.06
C ARG B 73 -13.28 10.51 -10.96
N GLU B 74 -14.52 10.14 -11.28
CA GLU B 74 -15.69 10.22 -10.35
C GLU B 74 -15.50 9.26 -9.17
N HIS B 75 -14.60 8.28 -9.31
CA HIS B 75 -14.37 7.25 -8.25
C HIS B 75 -13.31 7.68 -7.23
N PHE B 76 -12.70 8.86 -7.38
CA PHE B 76 -11.57 9.36 -6.52
C PHE B 76 -12.03 10.45 -5.54
N SER B 77 -11.77 10.26 -4.25
CA SER B 77 -11.89 11.31 -3.20
C SER B 77 -10.60 11.44 -2.40
N PHE B 78 -10.17 12.68 -2.21
CA PHE B 78 -8.97 13.00 -1.38
C PHE B 78 -9.42 13.42 0.01
N SER B 79 -10.72 13.27 0.30
CA SER B 79 -11.29 13.69 1.60
C SER B 79 -10.85 12.70 2.66
N PRO B 80 -10.06 13.15 3.68
CA PRO B 80 -9.64 12.26 4.75
C PRO B 80 -10.81 11.86 5.66
N ARG B 81 -12.01 12.41 5.41
CA ARG B 81 -13.23 12.13 6.24
C ARG B 81 -14.02 10.96 5.61
N MET B 82 -13.62 10.49 4.43
CA MET B 82 -14.31 9.39 3.72
C MET B 82 -13.74 8.07 4.26
N PRO B 83 -14.48 7.25 5.03
CA PRO B 83 -13.88 6.11 5.71
C PRO B 83 -13.75 4.95 4.73
N VAL B 84 -12.85 5.09 3.75
CA VAL B 84 -12.48 4.03 2.77
C VAL B 84 -10.95 3.94 2.72
N GLY B 85 -10.42 2.74 2.91
CA GLY B 85 -8.99 2.42 2.83
C GLY B 85 -8.42 2.31 4.21
N ASP B 86 -7.12 2.34 4.34
CA ASP B 86 -6.43 2.15 5.64
C ASP B 86 -6.13 3.52 6.26
N PHE B 87 -6.26 3.62 7.57
CA PHE B 87 -6.04 4.89 8.30
C PHE B 87 -4.80 4.70 9.16
N PHE B 88 -4.00 5.77 9.29
CA PHE B 88 -2.77 5.78 10.10
C PHE B 88 -2.66 7.14 10.77
N GLU B 89 -1.99 7.19 11.92
CA GLU B 89 -1.71 8.45 12.63
C GLU B 89 -0.28 8.45 13.17
N GLU B 90 0.34 9.61 13.08
CA GLU B 90 1.65 9.96 13.68
C GLU B 90 1.42 10.29 15.16
N ARG B 91 1.93 9.46 16.05
CA ARG B 91 1.93 9.72 17.52
C ARG B 91 3.34 10.11 17.94
N ASP B 92 3.47 11.27 18.57
CA ASP B 92 4.76 11.77 19.13
C ASP B 92 4.97 11.07 20.49
N THR B 93 6.13 10.47 20.70
CA THR B 93 6.45 9.79 21.98
C THR B 93 7.88 10.16 22.34
N PRO B 94 8.29 9.89 23.60
CA PRO B 94 9.66 10.11 24.02
C PRO B 94 10.65 9.36 23.13
N GLU B 95 10.23 8.22 22.57
CA GLU B 95 11.11 7.40 21.68
C GLU B 95 11.13 7.96 20.26
N GLY B 96 10.31 8.97 19.95
CA GLY B 96 10.26 9.62 18.62
C GLY B 96 8.87 9.55 18.00
N LEU B 97 8.68 10.26 16.89
CA LEU B 97 7.49 10.18 15.98
C LEU B 97 7.33 8.73 15.52
N GLN B 98 6.10 8.23 15.53
CA GLN B 98 5.78 6.80 15.38
C GLN B 98 4.40 6.71 14.70
N TRP B 99 4.34 6.04 13.56
CA TRP B 99 3.08 5.83 12.80
C TRP B 99 2.48 4.53 13.26
N VAL B 100 1.16 4.56 13.49
CA VAL B 100 0.38 3.34 13.84
CA VAL B 100 0.36 3.37 13.88
C VAL B 100 -0.84 3.28 12.93
N GLN B 101 -1.15 2.08 12.48
CA GLN B 101 -2.40 1.83 11.75
C GLN B 101 -3.52 1.82 12.79
N LEU B 102 -4.65 2.43 12.44
CA LEU B 102 -5.86 2.44 13.30
C LEU B 102 -6.76 1.25 12.93
N SER B 103 -7.37 0.64 13.96
CA SER B 103 -8.48 -0.34 13.87
C SER B 103 -9.75 0.36 13.30
N ALA B 104 -10.67 -0.40 12.71
CA ALA B 104 -12.01 0.04 12.24
C ALA B 104 -12.72 0.83 13.35
N GLU B 105 -12.59 0.36 14.59
CA GLU B 105 -13.26 0.89 15.82
C GLU B 105 -12.67 2.26 16.16
N GLU B 106 -11.41 2.49 15.79
CA GLU B 106 -10.68 3.75 16.09
C GLU B 106 -11.02 4.80 15.03
N ILE B 107 -11.39 4.40 13.81
CA ILE B 107 -11.43 5.39 12.68
C ILE B 107 -12.42 6.50 12.99
N PRO B 108 -13.66 6.21 13.45
CA PRO B 108 -14.67 7.26 13.67
C PRO B 108 -14.21 8.43 14.56
N SER B 109 -13.55 8.18 15.69
CA SER B 109 -13.04 9.26 16.57
C SER B 109 -12.06 10.14 15.78
N ARG B 110 -11.24 9.52 14.93
CA ARG B 110 -10.17 10.25 14.21
C ARG B 110 -10.78 11.14 13.12
N ILE B 111 -11.78 10.66 12.38
CA ILE B 111 -12.56 11.49 11.41
C ILE B 111 -13.30 12.63 12.15
N GLN B 112 -13.95 12.36 13.28
CA GLN B 112 -14.62 13.42 14.08
CA GLN B 112 -14.62 13.42 14.08
C GLN B 112 -13.58 14.49 14.40
N ALA B 113 -12.36 14.09 14.80
CA ALA B 113 -11.28 15.01 15.21
C ALA B 113 -10.71 15.84 14.04
N ILE B 114 -10.94 15.49 12.78
CA ILE B 114 -10.43 16.34 11.65
C ILE B 114 -11.60 16.98 10.89
N THR B 115 -12.77 17.13 11.51
CA THR B 115 -13.92 17.88 10.94
C THR B 115 -14.05 19.26 11.63
N GLY B 116 -14.14 20.36 10.86
CA GLY B 116 -14.15 21.75 11.37
N1 5CM D 6 13.77 12.55 -0.96
C2 5CM D 6 14.49 12.96 -2.11
N3 5CM D 6 15.44 13.86 -1.99
C4 5CM D 6 15.79 14.35 -0.79
C5 5CM D 6 15.05 13.92 0.45
C5A 5CM D 6 15.41 14.43 1.83
C6 5CM D 6 14.05 13.00 0.28
O2 5CM D 6 14.25 12.57 -3.28
N4 5CM D 6 16.80 15.23 -0.83
C1' 5CM D 6 12.71 11.57 -1.17
C2' 5CM D 6 12.85 10.30 -0.29
C3' 5CM D 6 11.41 9.82 -0.15
C4' 5CM D 6 10.55 11.09 -0.48
O4' 5CM D 6 11.46 12.17 -0.84
O3' 5CM D 6 11.05 8.84 -1.15
C5' 5CM D 6 9.51 11.48 0.58
O5' 5CM D 6 10.12 11.52 1.87
P 5CM D 6 9.77 12.63 2.99
OP1 5CM D 6 8.41 12.35 3.58
OP2 5CM D 6 11.08 12.66 3.77
UNK UNX E . 12.43 -13.70 -10.01
UNK UNX F . 8.62 2.77 -7.25
UNK UNX G . -0.96 -12.23 2.69
UNK UNX H . -4.11 -10.63 -2.21
UNK UNX I . -2.95 -9.55 -4.74
UNK UNX J . 5.74 10.36 0.93
UNK UNX K . -12.05 9.72 -16.07
UNK UNX L . 1.96 3.65 2.24
UNK UNX M . 5.71 6.85 -5.83
UNK UNX N . 6.46 3.19 -8.99
UNK UNX O . 4.89 29.21 -3.65
UNK UNX P . 33.59 8.97 3.40
#